data_7Q5C
#
_entry.id   7Q5C
#
_cell.length_a   71.343
_cell.length_b   71.343
_cell.length_c   200.464
_cell.angle_alpha   90.000
_cell.angle_beta   90.000
_cell.angle_gamma   90.000
#
_symmetry.space_group_name_H-M   'P 43 21 2'
#
loop_
_entity.id
_entity.type
_entity.pdbx_description
1 polymer 'Outer membrane porin G'
2 non-polymer 'TETRAETHYLENE GLYCOL'
3 non-polymer 'octyl beta-D-glucopyranoside'
4 non-polymer 'SODIUM ION'
5 water water
#
_entity_poly.entity_id   1
_entity_poly.type   'polypeptide(L)'
_entity_poly.pdbx_seq_one_letter_code
;MEERNDWHFNIGAMYEIENVEGYGEDMDGLAEPSVYFNAANGPWRIALAYYQEGPVDYSAGKRGTWFDRPELEVHYQFLE
NDDFSFGLTGGFRNYGYHYVDEPGKDTANMQRWKIAPDWDVKLTDDLRFNGWLSMYKFANDLNTTGYADTRVETETGLQY
TFNETVALRVNYYLERGFNMDDSRNNGEFSTQEIRAYLPLTLGNHSVTPYTRIGLDRWSNWDWQDDIEREGHDFNRVGLF
YGYDFQNGLSVSLEYAFEWQDHDEGDSDKFHYAGVGVNYSF
;
_entity_poly.pdbx_strand_id   XXX
#
loop_
_chem_comp.id
_chem_comp.type
_chem_comp.name
_chem_comp.formula
BOG D-saccharide 'octyl beta-D-glucopyranoside' 'C14 H28 O6'
NA non-polymer 'SODIUM ION' 'Na 1'
PG4 non-polymer 'TETRAETHYLENE GLYCOL' 'C8 H18 O5'
#
# COMPACT_ATOMS: atom_id res chain seq x y z
N ASN A 5 0.87 -22.04 20.20
CA ASN A 5 1.74 -20.89 20.63
C ASN A 5 0.86 -19.86 21.37
N ASP A 6 1.07 -18.55 21.13
CA ASP A 6 0.05 -17.50 21.43
C ASP A 6 -0.65 -17.06 20.13
N TRP A 7 -1.99 -17.03 20.17
CA TRP A 7 -2.83 -16.24 19.24
C TRP A 7 -2.57 -14.77 19.55
N HIS A 8 -2.30 -13.96 18.53
CA HIS A 8 -2.33 -12.47 18.59
C HIS A 8 -3.46 -12.03 17.66
N PHE A 9 -4.19 -10.98 18.03
CA PHE A 9 -5.33 -10.39 17.28
C PHE A 9 -5.13 -8.88 17.13
N ASN A 10 -5.37 -8.35 15.93
CA ASN A 10 -5.60 -6.89 15.77
C ASN A 10 -6.95 -6.67 15.08
N ILE A 11 -7.61 -5.60 15.49
CA ILE A 11 -8.76 -4.99 14.77
C ILE A 11 -8.37 -3.53 14.52
N GLY A 12 -9.00 -2.92 13.50
CA GLY A 12 -8.84 -1.48 13.29
C GLY A 12 -9.70 -0.94 12.19
N ALA A 13 -9.70 0.39 12.11
CA ALA A 13 -10.34 1.23 11.07
C ALA A 13 -9.35 2.29 10.63
N MET A 14 -9.49 2.73 9.39
CA MET A 14 -8.74 3.87 8.80
C MET A 14 -9.75 4.74 8.03
N TYR A 15 -9.45 6.01 7.88
CA TYR A 15 -10.19 6.94 6.99
C TYR A 15 -9.11 7.69 6.21
N GLU A 16 -9.10 7.53 4.88
CA GLU A 16 -8.12 8.21 4.01
C GLU A 16 -8.94 9.17 3.17
N ILE A 17 -8.37 10.33 2.85
CA ILE A 17 -9.01 11.37 2.01
C ILE A 17 -7.90 11.85 1.03
N GLU A 18 -8.19 11.90 -0.26
CA GLU A 18 -7.27 12.28 -1.37
C GLU A 18 -7.99 13.31 -2.25
N ASN A 19 -7.61 14.59 -2.28
CA ASN A 19 -8.22 15.56 -3.23
C ASN A 19 -7.13 16.27 -4.05
N VAL A 20 -7.49 17.36 -4.76
CA VAL A 20 -6.64 18.10 -5.75
C VAL A 20 -6.90 19.61 -5.63
N GLY A 29 -11.64 15.25 -4.69
CA GLY A 29 -11.99 14.72 -3.35
C GLY A 29 -12.46 13.28 -3.39
N LEU A 30 -11.66 12.34 -2.88
CA LEU A 30 -12.08 10.93 -2.67
C LEU A 30 -12.12 10.62 -1.18
N ALA A 31 -13.14 9.86 -0.72
CA ALA A 31 -13.32 9.37 0.67
C ALA A 31 -13.10 7.86 0.67
N GLU A 32 -12.23 7.38 1.57
CA GLU A 32 -11.78 5.97 1.60
C GLU A 32 -11.86 5.44 3.03
N PRO A 33 -13.06 4.98 3.46
CA PRO A 33 -13.22 4.28 4.73
C PRO A 33 -12.75 2.84 4.60
N SER A 34 -12.26 2.26 5.69
CA SER A 34 -11.75 0.87 5.75
C SER A 34 -11.75 0.34 7.17
N VAL A 35 -11.73 -0.98 7.32
CA VAL A 35 -11.66 -1.72 8.62
C VAL A 35 -10.90 -2.99 8.29
N TYR A 36 -10.17 -3.56 9.28
CA TYR A 36 -9.45 -4.84 9.09
C TYR A 36 -9.49 -5.63 10.41
N PHE A 37 -9.33 -6.95 10.29
CA PHE A 37 -9.10 -7.91 11.39
C PHE A 37 -7.92 -8.82 10.98
N ASN A 38 -6.94 -9.02 11.87
CA ASN A 38 -5.93 -10.11 11.70
C ASN A 38 -5.82 -10.93 12.99
N ALA A 39 -5.46 -12.21 12.84
CA ALA A 39 -5.08 -13.13 13.93
C ALA A 39 -3.84 -13.90 13.50
N ALA A 40 -2.87 -14.12 14.40
CA ALA A 40 -1.65 -14.93 14.13
C ALA A 40 -1.34 -15.93 15.26
N ASN A 41 -0.69 -17.05 14.90
CA ASN A 41 -0.17 -18.10 15.82
C ASN A 41 1.13 -18.65 15.20
N GLY A 42 2.27 -18.44 15.87
CA GLY A 42 3.58 -18.79 15.30
C GLY A 42 3.77 -18.14 13.93
N PRO A 43 3.92 -18.93 12.84
CA PRO A 43 4.20 -18.38 11.52
C PRO A 43 2.95 -18.06 10.68
N TRP A 44 1.74 -18.29 11.23
CA TRP A 44 0.43 -18.13 10.54
C TRP A 44 -0.20 -16.80 10.94
N ARG A 45 -0.64 -16.00 9.94
CA ARG A 45 -1.49 -14.78 10.08
C ARG A 45 -2.66 -14.86 9.11
N ILE A 46 -3.82 -14.36 9.54
CA ILE A 46 -5.05 -14.31 8.72
C ILE A 46 -5.55 -12.88 8.77
N ALA A 47 -5.92 -12.32 7.62
CA ALA A 47 -6.28 -10.90 7.45
C ALA A 47 -7.57 -10.72 6.63
N LEU A 48 -8.60 -10.23 7.28
CA LEU A 48 -9.82 -9.67 6.65
C LEU A 48 -9.63 -8.16 6.69
N ALA A 49 -10.03 -7.50 5.61
CA ALA A 49 -10.11 -6.05 5.46
C ALA A 49 -11.26 -5.75 4.52
N TYR A 50 -11.94 -4.62 4.74
CA TYR A 50 -12.93 -4.02 3.81
C TYR A 50 -12.54 -2.56 3.61
N TYR A 51 -12.27 -2.20 2.33
CA TYR A 51 -11.95 -0.84 1.87
C TYR A 51 -13.05 -0.42 0.89
N GLN A 52 -13.38 0.87 0.89
CA GLN A 52 -14.33 1.49 -0.06
C GLN A 52 -13.72 2.80 -0.54
N GLU A 53 -14.07 3.26 -1.73
CA GLU A 53 -13.45 4.43 -2.38
C GLU A 53 -14.50 5.15 -3.23
N GLY A 54 -14.69 6.43 -3.02
CA GLY A 54 -15.77 7.13 -3.73
C GLY A 54 -15.65 8.62 -3.50
N PRO A 55 -16.35 9.45 -4.30
CA PRO A 55 -16.24 10.90 -4.19
C PRO A 55 -16.86 11.40 -2.89
N VAL A 56 -16.42 12.57 -2.41
CA VAL A 56 -17.01 13.25 -1.22
C VAL A 56 -18.27 14.01 -1.67
N ASP A 57 -19.37 13.81 -0.96
CA ASP A 57 -20.76 14.21 -1.33
C ASP A 57 -21.47 13.06 -2.08
N TYR A 58 -21.27 11.81 -1.64
CA TYR A 58 -22.07 10.60 -1.99
C TYR A 58 -22.88 10.24 -0.74
N LYS A 62 -24.38 15.84 -6.34
CA LYS A 62 -23.00 15.56 -6.81
C LYS A 62 -22.54 14.19 -6.27
N ARG A 63 -23.26 13.11 -6.61
CA ARG A 63 -22.79 11.70 -6.45
C ARG A 63 -21.90 11.37 -7.65
N GLY A 64 -21.02 10.37 -7.48
CA GLY A 64 -20.14 9.84 -8.53
C GLY A 64 -19.84 8.37 -8.27
N THR A 65 -19.08 7.77 -9.17
CA THR A 65 -18.86 6.31 -9.16
C THR A 65 -17.87 5.97 -8.05
N TRP A 66 -18.02 4.76 -7.49
CA TRP A 66 -17.31 4.24 -6.30
C TRP A 66 -17.10 2.73 -6.42
N PHE A 67 -16.33 2.13 -5.55
CA PHE A 67 -16.19 0.66 -5.46
C PHE A 67 -15.83 0.29 -4.03
N ASP A 68 -15.91 -1.01 -3.77
CA ASP A 68 -15.50 -1.61 -2.49
C ASP A 68 -14.50 -2.72 -2.83
N ARG A 69 -13.82 -3.23 -1.80
CA ARG A 69 -12.58 -4.01 -1.96
C ARG A 69 -12.40 -4.92 -0.78
N PRO A 70 -13.26 -5.95 -0.62
CA PRO A 70 -13.06 -6.94 0.44
C PRO A 70 -11.83 -7.80 0.15
N GLU A 71 -11.15 -8.24 1.23
CA GLU A 71 -9.82 -8.85 1.14
C GLU A 71 -9.68 -9.93 2.21
N LEU A 72 -9.18 -11.09 1.78
CA LEU A 72 -8.58 -12.14 2.62
C LEU A 72 -7.12 -12.26 2.22
N GLU A 73 -6.18 -12.14 3.17
CA GLU A 73 -4.74 -12.44 2.97
C GLU A 73 -4.34 -13.48 4.02
N VAL A 74 -3.40 -14.37 3.65
CA VAL A 74 -2.78 -15.37 4.57
C VAL A 74 -1.26 -15.26 4.47
N HIS A 75 -0.58 -15.10 5.61
CA HIS A 75 0.90 -14.98 5.70
C HIS A 75 1.46 -16.21 6.43
N TYR A 76 2.52 -16.82 5.87
CA TYR A 76 3.34 -17.90 6.49
C TYR A 76 4.79 -17.41 6.64
N GLN A 77 5.26 -17.27 7.90
CA GLN A 77 6.66 -16.92 8.24
C GLN A 77 7.52 -18.19 8.11
N PHE A 78 8.23 -18.34 6.99
CA PHE A 78 9.10 -19.51 6.65
C PHE A 78 10.34 -19.55 7.52
N LEU A 79 10.95 -18.38 7.76
CA LEU A 79 12.23 -18.20 8.51
C LEU A 79 12.16 -16.83 9.19
N GLU A 80 12.42 -16.76 10.50
CA GLU A 80 12.44 -15.47 11.26
C GLU A 80 13.54 -15.51 12.32
N ASN A 81 14.68 -14.89 12.01
CA ASN A 81 15.82 -14.69 12.95
C ASN A 81 16.61 -13.45 12.49
N ASP A 82 17.78 -13.20 13.10
CA ASP A 82 18.54 -11.94 12.90
C ASP A 82 19.36 -11.96 11.61
N ASP A 83 19.82 -13.11 11.11
CA ASP A 83 20.70 -13.10 9.90
C ASP A 83 19.84 -13.10 8.63
N PHE A 84 18.78 -13.90 8.57
CA PHE A 84 17.81 -14.07 7.43
C PHE A 84 16.42 -14.38 8.02
N SER A 85 15.45 -13.47 7.89
CA SER A 85 13.98 -13.75 7.92
C SER A 85 13.44 -13.82 6.47
N PHE A 86 12.50 -14.71 6.14
CA PHE A 86 11.87 -14.78 4.79
C PHE A 86 10.45 -15.36 4.96
N GLY A 87 9.52 -14.87 4.13
CA GLY A 87 8.06 -14.91 4.34
C GLY A 87 7.27 -14.89 3.04
N LEU A 88 5.99 -15.26 3.10
CA LEU A 88 5.10 -15.41 1.91
C LEU A 88 3.67 -15.00 2.28
N THR A 89 3.08 -14.14 1.46
CA THR A 89 1.69 -13.66 1.56
C THR A 89 0.93 -14.17 0.32
N GLY A 90 -0.20 -14.85 0.55
CA GLY A 90 -1.20 -15.18 -0.47
C GLY A 90 -2.47 -14.40 -0.24
N GLY A 91 -2.98 -13.72 -1.26
CA GLY A 91 -4.08 -12.77 -1.06
C GLY A 91 -5.14 -12.84 -2.15
N PHE A 92 -6.40 -12.66 -1.76
CA PHE A 92 -7.58 -12.52 -2.65
C PHE A 92 -8.29 -11.22 -2.31
N ARG A 93 -8.71 -10.45 -3.30
CA ARG A 93 -9.77 -9.43 -3.08
C ARG A 93 -10.65 -9.38 -4.33
N ASN A 94 -11.81 -8.74 -4.18
CA ASN A 94 -12.75 -8.38 -5.24
C ASN A 94 -12.84 -6.85 -5.28
N TYR A 95 -12.94 -6.30 -6.48
CA TYR A 95 -13.27 -4.87 -6.66
C TYR A 95 -14.72 -4.81 -7.15
N GLY A 96 -15.59 -4.22 -6.36
CA GLY A 96 -17.01 -4.10 -6.69
C GLY A 96 -17.29 -2.73 -7.24
N TYR A 97 -17.11 -2.56 -8.54
CA TYR A 97 -17.26 -1.22 -9.15
C TYR A 97 -18.74 -0.93 -9.32
N HIS A 98 -19.19 0.23 -8.88
CA HIS A 98 -20.55 0.79 -9.06
C HIS A 98 -20.47 2.07 -9.89
N TYR A 99 -20.64 1.95 -11.20
CA TYR A 99 -20.60 3.08 -12.16
C TYR A 99 -21.86 3.95 -12.02
N VAL A 100 -21.67 5.28 -11.99
CA VAL A 100 -22.72 6.33 -11.89
C VAL A 100 -22.48 7.33 -13.02
N ASP A 101 -23.55 7.73 -13.75
CA ASP A 101 -23.49 8.60 -14.97
C ASP A 101 -22.23 8.36 -15.80
N GLU A 102 -21.85 7.10 -16.05
CA GLU A 102 -20.86 6.70 -17.09
C GLU A 102 -21.65 5.90 -18.12
N PRO A 103 -21.49 6.15 -19.44
CA PRO A 103 -22.30 5.45 -20.45
C PRO A 103 -21.66 4.09 -20.80
N GLY A 104 -22.45 3.02 -20.90
CA GLY A 104 -21.95 1.68 -21.31
C GLY A 104 -21.36 0.88 -20.16
N LYS A 105 -21.65 1.31 -18.94
CA LYS A 105 -21.14 0.73 -17.67
C LYS A 105 -22.30 0.75 -16.67
N ASP A 106 -22.51 -0.30 -15.91
CA ASP A 106 -23.45 -0.26 -14.77
C ASP A 106 -22.66 -0.62 -13.50
N THR A 107 -22.10 -1.85 -13.49
CA THR A 107 -21.26 -2.42 -12.40
C THR A 107 -20.19 -3.35 -12.98
N ALA A 108 -19.11 -3.54 -12.24
CA ALA A 108 -18.05 -4.54 -12.51
C ALA A 108 -17.71 -5.23 -11.18
N ASN A 109 -17.14 -6.41 -11.31
CA ASN A 109 -16.68 -7.27 -10.22
C ASN A 109 -15.44 -7.93 -10.80
N MET A 110 -14.29 -7.41 -10.38
CA MET A 110 -12.95 -7.90 -10.74
C MET A 110 -12.23 -8.39 -9.49
N GLN A 111 -11.52 -9.51 -9.58
CA GLN A 111 -10.81 -10.09 -8.41
C GLN A 111 -9.31 -9.96 -8.63
N ARG A 112 -8.57 -9.65 -7.55
CA ARG A 112 -7.10 -9.67 -7.56
C ARG A 112 -6.64 -10.85 -6.70
N TRP A 113 -5.87 -11.75 -7.32
CA TRP A 113 -5.07 -12.83 -6.68
C TRP A 113 -3.62 -12.33 -6.49
N LYS A 114 -3.03 -12.60 -5.31
CA LYS A 114 -1.67 -12.16 -4.88
C LYS A 114 -0.87 -13.37 -4.35
N ILE A 115 0.38 -13.47 -4.80
CA ILE A 115 1.49 -14.15 -4.06
C ILE A 115 2.60 -13.11 -3.92
N ALA A 116 3.17 -13.00 -2.71
CA ALA A 116 4.17 -11.96 -2.33
C ALA A 116 5.11 -12.45 -1.25
N PRO A 117 6.34 -12.92 -1.62
CA PRO A 117 7.40 -13.13 -0.63
C PRO A 117 7.77 -11.78 0.01
N ASP A 118 8.21 -11.80 1.27
CA ASP A 118 8.80 -10.65 1.99
C ASP A 118 10.01 -11.13 2.81
N TRP A 119 11.15 -10.42 2.78
CA TRP A 119 12.47 -10.82 3.36
C TRP A 119 13.14 -9.68 4.12
N ASP A 120 13.79 -9.97 5.26
CA ASP A 120 14.69 -9.06 6.04
C ASP A 120 16.01 -9.80 6.30
N VAL A 121 17.01 -9.51 5.47
CA VAL A 121 18.39 -10.08 5.47
C VAL A 121 19.35 -9.10 6.14
N LYS A 122 20.30 -9.59 6.92
CA LYS A 122 21.29 -8.75 7.67
C LYS A 122 22.59 -8.63 6.87
N LEU A 123 23.05 -7.40 6.65
CA LEU A 123 24.37 -7.12 6.00
C LEU A 123 25.40 -6.89 7.09
N THR A 124 25.09 -6.00 8.05
CA THR A 124 25.99 -5.69 9.20
C THR A 124 25.17 -5.57 10.49
N ASP A 125 25.79 -5.01 11.54
CA ASP A 125 25.16 -4.89 12.87
C ASP A 125 24.17 -3.72 12.84
N ASP A 126 24.22 -2.86 11.81
CA ASP A 126 23.31 -1.68 11.73
C ASP A 126 22.88 -1.40 10.27
N LEU A 127 23.11 -2.34 9.35
CA LEU A 127 22.70 -2.23 7.92
C LEU A 127 21.98 -3.52 7.48
N ARG A 128 20.75 -3.37 7.00
CA ARG A 128 19.92 -4.47 6.46
C ARG A 128 19.43 -4.14 5.04
N PHE A 129 19.31 -5.22 4.26
CA PHE A 129 18.57 -5.37 2.98
C PHE A 129 17.22 -6.04 3.29
N ASN A 130 16.11 -5.34 3.09
CA ASN A 130 14.74 -5.88 3.30
C ASN A 130 13.90 -5.56 2.06
N GLY A 131 12.73 -6.20 1.93
CA GLY A 131 11.80 -5.86 0.85
C GLY A 131 10.59 -6.76 0.82
N TRP A 132 9.71 -6.46 -0.13
CA TRP A 132 8.59 -7.34 -0.56
C TRP A 132 8.44 -7.26 -2.07
N LEU A 133 7.79 -8.27 -2.63
CA LEU A 133 7.63 -8.54 -4.08
C LEU A 133 6.25 -9.17 -4.25
N SER A 134 5.33 -8.46 -4.89
CA SER A 134 3.94 -8.94 -5.16
C SER A 134 3.79 -9.21 -6.65
N MET A 135 3.42 -10.46 -7.02
CA MET A 135 2.94 -10.86 -8.36
C MET A 135 1.43 -11.01 -8.26
N TYR A 136 0.66 -10.30 -9.09
CA TYR A 136 -0.83 -10.25 -9.05
C TYR A 136 -1.46 -10.84 -10.32
N LYS A 137 -2.57 -11.55 -10.18
CA LYS A 137 -3.46 -11.88 -11.32
C LYS A 137 -4.79 -11.16 -11.06
N PHE A 138 -5.26 -10.43 -12.06
CA PHE A 138 -6.54 -9.69 -12.09
C PHE A 138 -7.52 -10.41 -13.05
N ALA A 139 -8.77 -10.66 -12.65
CA ALA A 139 -9.68 -11.68 -13.23
C ALA A 139 -10.75 -11.09 -14.15
N ASN A 140 -11.93 -10.75 -13.62
CA ASN A 140 -13.13 -10.61 -14.48
C ASN A 140 -13.41 -9.13 -14.78
N ASP A 141 -14.10 -8.85 -15.88
CA ASP A 141 -14.60 -7.50 -16.27
C ASP A 141 -13.43 -6.56 -16.55
N LEU A 142 -12.28 -7.08 -17.01
CA LEU A 142 -11.05 -6.25 -17.26
C LEU A 142 -11.32 -5.12 -18.24
N ASN A 143 -12.01 -5.37 -19.35
CA ASN A 143 -12.32 -4.32 -20.36
C ASN A 143 -13.06 -3.20 -19.62
N THR A 144 -14.02 -3.54 -18.77
CA THR A 144 -14.90 -2.57 -18.09
C THR A 144 -14.12 -1.74 -17.08
N THR A 145 -13.08 -2.31 -16.51
CA THR A 145 -12.44 -1.89 -15.24
C THR A 145 -11.12 -1.22 -15.60
N GLY A 146 -10.60 -1.55 -16.78
CA GLY A 146 -9.51 -0.83 -17.46
C GLY A 146 -8.16 -1.39 -17.05
N TYR A 147 -8.15 -2.51 -16.34
CA TYR A 147 -6.95 -3.11 -15.68
C TYR A 147 -6.28 -4.15 -16.57
N ALA A 148 -4.96 -4.22 -16.49
CA ALA A 148 -4.15 -5.26 -17.13
C ALA A 148 -4.26 -6.51 -16.28
N ASP A 149 -4.29 -7.68 -16.93
CA ASP A 149 -4.57 -8.97 -16.27
C ASP A 149 -3.40 -9.32 -15.36
N THR A 150 -2.19 -8.74 -15.56
CA THR A 150 -0.98 -9.04 -14.70
C THR A 150 -0.28 -7.77 -14.16
N ARG A 151 0.28 -7.89 -12.95
CA ARG A 151 0.99 -6.75 -12.28
C ARG A 151 2.13 -7.30 -11.41
N VAL A 152 3.31 -6.66 -11.49
CA VAL A 152 4.45 -6.82 -10.54
C VAL A 152 4.56 -5.55 -9.71
N GLU A 153 4.84 -5.68 -8.41
CA GLU A 153 5.08 -4.51 -7.53
C GLU A 153 6.17 -4.90 -6.51
N THR A 154 7.12 -4.00 -6.27
CA THR A 154 8.13 -4.17 -5.20
C THR A 154 8.57 -2.83 -4.66
N GLU A 155 8.89 -2.87 -3.36
CA GLU A 155 9.68 -1.89 -2.61
C GLU A 155 10.72 -2.75 -1.92
N THR A 156 11.98 -2.53 -2.26
CA THR A 156 13.15 -3.23 -1.69
C THR A 156 14.27 -2.18 -1.51
N GLY A 157 15.12 -2.35 -0.50
CA GLY A 157 16.26 -1.44 -0.34
C GLY A 157 17.06 -1.68 0.92
N LEU A 158 17.63 -0.59 1.44
CA LEU A 158 18.62 -0.62 2.54
C LEU A 158 18.10 0.21 3.71
N GLN A 159 18.29 -0.35 4.91
CA GLN A 159 17.99 0.31 6.20
C GLN A 159 19.30 0.44 6.96
N TYR A 160 19.79 1.65 7.11
CA TYR A 160 20.93 1.93 8.01
C TYR A 160 20.33 2.39 9.35
N THR A 161 20.62 1.69 10.45
CA THR A 161 20.19 2.19 11.78
C THR A 161 21.30 3.02 12.41
N PHE A 162 21.05 4.31 12.67
CA PHE A 162 21.95 5.18 13.46
C PHE A 162 22.00 4.66 14.91
N ASN A 163 20.83 4.42 15.47
CA ASN A 163 20.66 4.14 16.91
C ASN A 163 19.18 3.85 17.18
N GLU A 164 18.83 3.58 18.44
CA GLU A 164 17.43 3.32 18.92
C GLU A 164 16.45 4.39 18.40
N THR A 165 16.91 5.60 18.09
CA THR A 165 16.03 6.77 17.85
C THR A 165 15.91 7.05 16.35
N VAL A 166 17.01 6.96 15.60
CA VAL A 166 17.04 7.39 14.17
C VAL A 166 17.42 6.20 13.30
N ALA A 167 16.72 6.04 12.17
CA ALA A 167 17.13 5.13 11.07
C ALA A 167 16.86 5.75 9.70
N LEU A 168 17.46 5.11 8.69
CA LEU A 168 17.32 5.55 7.28
C LEU A 168 16.99 4.35 6.42
N ARG A 169 15.89 4.51 5.70
CA ARG A 169 15.44 3.54 4.68
C ARG A 169 15.58 4.28 3.34
N VAL A 170 16.39 3.71 2.47
CA VAL A 170 16.36 4.08 1.04
C VAL A 170 15.88 2.84 0.31
N ASN A 171 14.86 2.97 -0.53
CA ASN A 171 14.34 1.84 -1.33
C ASN A 171 14.11 2.26 -2.78
N TYR A 172 14.32 1.26 -3.65
CA TYR A 172 13.84 1.22 -5.05
C TYR A 172 12.41 0.67 -5.06
N TYR A 173 11.50 1.29 -5.82
CA TYR A 173 10.07 0.89 -5.89
C TYR A 173 9.63 0.80 -7.35
N LEU A 174 8.88 -0.25 -7.67
CA LEU A 174 8.49 -0.65 -9.05
C LEU A 174 7.06 -1.25 -9.05
N GLU A 175 6.20 -0.63 -9.86
CA GLU A 175 4.87 -1.14 -10.29
C GLU A 175 4.88 -1.25 -11.83
N ARG A 176 4.60 -2.43 -12.40
CA ARG A 176 4.34 -2.62 -13.86
C ARG A 176 3.02 -3.36 -14.08
N GLY A 177 2.09 -2.83 -14.88
CA GLY A 177 0.90 -3.57 -15.36
C GLY A 177 1.07 -4.07 -16.81
N PHE A 178 0.82 -5.36 -17.06
CA PHE A 178 0.89 -5.95 -18.42
C PHE A 178 -0.15 -7.05 -18.60
N ASN A 179 -0.85 -7.04 -19.74
CA ASN A 179 -1.75 -8.15 -20.14
C ASN A 179 -0.84 -9.27 -20.67
N MET A 180 -1.04 -10.51 -20.21
CA MET A 180 -0.38 -11.72 -20.76
C MET A 180 -1.11 -12.19 -22.03
N ASP A 181 -2.36 -11.75 -22.24
CA ASP A 181 -3.13 -11.83 -23.51
C ASP A 181 -2.42 -11.04 -24.61
N ASP A 182 -2.25 -11.65 -25.80
CA ASP A 182 -1.85 -10.98 -27.05
C ASP A 182 -2.89 -9.91 -27.41
N SER A 183 -4.18 -10.25 -27.31
CA SER A 183 -5.33 -9.43 -27.80
C SER A 183 -5.95 -8.65 -26.64
N ARG A 184 -5.15 -7.79 -26.01
CA ARG A 184 -5.49 -6.93 -24.85
C ARG A 184 -4.29 -6.01 -24.61
N ASN A 185 -4.53 -4.70 -24.51
CA ASN A 185 -3.49 -3.73 -24.05
C ASN A 185 -4.12 -2.67 -23.13
N ASN A 186 -5.32 -2.92 -22.59
CA ASN A 186 -5.96 -2.00 -21.60
C ASN A 186 -5.04 -1.96 -20.38
N GLY A 187 -4.84 -0.79 -19.78
CA GLY A 187 -4.20 -0.58 -18.46
C GLY A 187 -2.75 -1.07 -18.37
N GLU A 188 -1.93 -0.89 -19.41
CA GLU A 188 -0.47 -1.16 -19.40
C GLU A 188 0.22 0.12 -18.91
N PHE A 189 1.20 -0.04 -18.02
CA PHE A 189 1.83 1.08 -17.26
C PHE A 189 3.08 0.57 -16.54
N SER A 190 4.07 1.45 -16.36
CA SER A 190 5.22 1.24 -15.45
C SER A 190 5.43 2.48 -14.56
N THR A 191 5.71 2.30 -13.26
CA THR A 191 6.24 3.32 -12.32
C THR A 191 7.55 2.79 -11.73
N GLN A 192 8.62 3.61 -11.72
CA GLN A 192 9.82 3.44 -10.83
C GLN A 192 10.05 4.70 -10.00
N GLU A 193 10.45 4.51 -8.74
CA GLU A 193 10.69 5.65 -7.81
C GLU A 193 11.83 5.25 -6.89
N ILE A 194 12.54 6.25 -6.40
CA ILE A 194 13.37 6.12 -5.18
C ILE A 194 12.48 6.56 -4.03
N ARG A 195 12.45 5.78 -2.94
CA ARG A 195 11.73 6.16 -1.69
C ARG A 195 12.73 6.21 -0.54
N ALA A 196 12.67 7.30 0.23
CA ALA A 196 13.49 7.52 1.44
C ALA A 196 12.60 7.87 2.64
N TYR A 197 12.92 7.23 3.76
CA TYR A 197 12.26 7.50 5.06
C TYR A 197 13.33 7.59 6.16
N LEU A 198 13.12 8.50 7.11
CA LEU A 198 13.91 8.58 8.38
C LEU A 198 12.93 8.36 9.53
N PRO A 199 12.62 7.09 9.87
CA PRO A 199 11.79 6.81 11.04
C PRO A 199 12.47 7.13 12.38
N LEU A 200 11.97 8.17 13.06
CA LEU A 200 12.27 8.51 14.49
C LEU A 200 11.38 7.68 15.42
N THR A 201 11.99 6.88 16.30
CA THR A 201 11.32 6.14 17.40
C THR A 201 11.64 6.88 18.72
N LEU A 202 10.80 7.83 19.10
CA LEU A 202 10.91 8.66 20.32
C LEU A 202 10.05 8.05 21.43
N GLY A 203 10.43 6.88 21.92
CA GLY A 203 9.71 6.14 22.97
C GLY A 203 8.35 5.65 22.49
N ASN A 204 7.29 6.42 22.77
CA ASN A 204 5.88 6.09 22.46
C ASN A 204 5.43 6.86 21.22
N HIS A 205 6.11 7.95 20.87
CA HIS A 205 5.98 8.59 19.53
C HIS A 205 6.72 7.76 18.47
N SER A 206 6.24 7.86 17.23
CA SER A 206 6.83 7.40 15.95
C SER A 206 6.62 8.52 14.93
N VAL A 207 7.70 9.15 14.44
CA VAL A 207 7.67 10.26 13.44
C VAL A 207 8.47 9.80 12.24
N THR A 208 7.83 9.75 11.08
CA THR A 208 8.52 9.33 9.85
C THR A 208 8.27 10.31 8.73
N PRO A 209 9.22 11.20 8.38
CA PRO A 209 9.21 11.85 7.08
C PRO A 209 9.86 10.97 5.96
N TYR A 210 9.42 11.18 4.72
CA TYR A 210 9.60 10.26 3.58
C TYR A 210 9.41 11.04 2.29
N THR A 211 10.07 10.61 1.21
CA THR A 211 9.74 11.11 -0.18
C THR A 211 9.67 9.94 -1.14
N ARG A 212 8.92 10.13 -2.21
CA ARG A 212 9.08 9.29 -3.42
C ARG A 212 9.52 10.23 -4.53
N ILE A 213 10.63 9.91 -5.17
CA ILE A 213 11.10 10.63 -6.38
C ILE A 213 10.81 9.69 -7.53
N GLY A 214 9.86 10.10 -8.36
CA GLY A 214 9.68 9.44 -9.67
C GLY A 214 11.00 9.39 -10.40
N LEU A 215 11.41 8.20 -10.85
CA LEU A 215 12.46 8.01 -11.88
C LEU A 215 11.85 8.15 -13.27
N ASP A 216 10.92 7.23 -13.61
CA ASP A 216 10.30 7.03 -14.94
C ASP A 216 8.91 6.40 -14.76
N ARG A 217 7.82 7.18 -14.96
CA ARG A 217 6.40 6.75 -15.02
C ARG A 217 5.87 6.88 -16.47
N TRP A 218 5.15 5.87 -16.99
CA TRP A 218 4.20 5.97 -18.15
C TRP A 218 2.98 5.05 -17.93
N SER A 219 1.81 5.42 -18.45
CA SER A 219 0.57 4.61 -18.52
C SER A 219 -0.17 4.88 -19.85
N ASN A 220 -1.48 4.56 -19.95
CA ASN A 220 -2.32 4.70 -21.17
C ASN A 220 -3.26 5.91 -21.01
N ASP A 233 9.27 13.96 -14.51
CA ASP A 233 8.48 12.92 -13.80
C ASP A 233 8.03 13.48 -12.43
N PHE A 234 7.35 12.65 -11.60
CA PHE A 234 6.67 13.06 -10.33
C PHE A 234 7.56 12.93 -9.07
N ASN A 235 7.18 13.62 -8.01
CA ASN A 235 7.87 13.61 -6.72
C ASN A 235 6.80 13.74 -5.62
N ARG A 236 7.05 13.25 -4.39
CA ARG A 236 6.08 13.36 -3.26
C ARG A 236 6.76 13.45 -1.88
N VAL A 237 6.42 14.45 -1.08
CA VAL A 237 6.89 14.52 0.35
C VAL A 237 5.71 14.29 1.29
N GLY A 238 5.98 13.64 2.42
CA GLY A 238 4.99 13.36 3.46
C GLY A 238 5.58 13.00 4.81
N LEU A 239 4.69 12.75 5.75
CA LEU A 239 4.97 12.71 7.19
C LEU A 239 3.90 11.82 7.82
N PHE A 240 4.33 10.69 8.36
CA PHE A 240 3.55 9.77 9.23
C PHE A 240 3.88 10.05 10.71
N TYR A 241 2.87 9.94 11.56
CA TYR A 241 2.97 10.16 13.02
C TYR A 241 2.17 9.06 13.71
N GLY A 242 2.71 8.41 14.74
CA GLY A 242 2.13 7.20 15.36
C GLY A 242 2.34 7.12 16.86
N TYR A 243 1.24 7.14 17.64
CA TYR A 243 1.28 7.00 19.12
C TYR A 243 0.79 5.63 19.56
N ASP A 244 1.60 4.87 20.31
CA ASP A 244 1.21 3.64 21.06
C ASP A 244 1.00 3.99 22.54
N PHE A 245 -0.14 3.60 23.14
CA PHE A 245 -0.57 3.97 24.52
C PHE A 245 -0.31 2.83 25.55
N GLN A 246 0.38 1.77 25.15
CA GLN A 246 0.92 0.69 26.01
C GLN A 246 -0.19 -0.16 26.62
N ASN A 247 -1.42 -0.10 26.09
CA ASN A 247 -2.53 -0.95 26.57
C ASN A 247 -3.06 -1.81 25.44
N GLY A 248 -2.45 -1.75 24.25
CA GLY A 248 -2.88 -2.47 23.03
C GLY A 248 -3.48 -1.53 21.97
N LEU A 249 -3.79 -0.27 22.34
CA LEU A 249 -4.31 0.80 21.45
C LEU A 249 -3.15 1.55 20.81
N SER A 250 -3.34 2.00 19.57
CA SER A 250 -2.47 2.99 18.91
C SER A 250 -3.29 3.69 17.83
N VAL A 251 -2.87 4.90 17.46
CA VAL A 251 -3.48 5.77 16.40
C VAL A 251 -2.37 6.26 15.45
N SER A 252 -2.73 6.82 14.29
CA SER A 252 -1.81 7.35 13.25
C SER A 252 -2.43 8.56 12.56
N LEU A 253 -1.61 9.55 12.22
CA LEU A 253 -1.89 10.66 11.27
C LEU A 253 -0.86 10.50 10.15
N GLU A 254 -1.26 10.69 8.89
CA GLU A 254 -0.31 10.76 7.76
C GLU A 254 -0.79 11.91 6.88
N TYR A 255 0.12 12.77 6.45
CA TYR A 255 -0.15 13.78 5.40
C TYR A 255 0.91 13.64 4.30
N ALA A 256 0.56 13.85 3.03
CA ALA A 256 1.53 13.82 1.91
C ALA A 256 1.06 14.81 0.84
N PHE A 257 2.02 15.42 0.14
CA PHE A 257 1.86 16.34 -1.01
C PHE A 257 2.54 15.69 -2.21
N GLU A 258 1.85 15.58 -3.36
CA GLU A 258 2.42 14.98 -4.60
C GLU A 258 2.36 16.04 -5.69
N TRP A 259 3.28 16.06 -6.66
CA TRP A 259 3.29 17.02 -7.78
C TRP A 259 4.04 16.44 -8.99
N GLN A 260 3.47 16.62 -10.20
CA GLN A 260 4.00 16.18 -11.51
C GLN A 260 4.83 17.29 -12.18
N ASP A 261 4.57 18.58 -11.90
CA ASP A 261 5.29 19.81 -12.41
C ASP A 261 5.12 19.94 -13.94
N HIS A 262 4.46 21.03 -14.37
CA HIS A 262 3.91 21.23 -15.76
C HIS A 262 4.11 22.68 -16.23
N ASP A 263 3.40 23.10 -17.30
CA ASP A 263 3.50 24.40 -18.01
C ASP A 263 3.53 25.60 -17.05
N GLU A 264 4.71 26.25 -16.94
CA GLU A 264 5.07 27.47 -16.15
C GLU A 264 4.26 27.60 -14.85
N GLY A 265 4.74 26.99 -13.76
CA GLY A 265 4.22 27.19 -12.39
C GLY A 265 3.03 26.29 -12.05
N ASP A 266 1.87 26.53 -12.69
CA ASP A 266 0.58 25.82 -12.51
C ASP A 266 0.74 24.34 -12.90
N SER A 267 1.03 23.47 -11.92
CA SER A 267 1.30 22.01 -12.06
C SER A 267 0.12 21.19 -11.51
N ASP A 268 0.16 19.86 -11.69
CA ASP A 268 -0.79 18.90 -11.08
C ASP A 268 -0.40 18.76 -9.60
N LYS A 269 -1.35 18.95 -8.68
CA LYS A 269 -1.04 18.99 -7.24
C LYS A 269 -2.13 18.23 -6.45
N PHE A 270 -1.73 17.22 -5.67
CA PHE A 270 -2.62 16.32 -4.88
C PHE A 270 -2.16 16.19 -3.43
N HIS A 271 -3.13 16.25 -2.52
CA HIS A 271 -3.02 16.01 -1.06
C HIS A 271 -3.57 14.63 -0.70
N TYR A 272 -2.81 13.86 0.05
CA TYR A 272 -3.29 12.71 0.84
C TYR A 272 -3.34 13.07 2.33
N ALA A 273 -4.41 12.68 3.04
CA ALA A 273 -4.49 12.65 4.53
C ALA A 273 -5.05 11.29 4.97
N GLY A 274 -4.64 10.83 6.17
CA GLY A 274 -5.02 9.52 6.73
C GLY A 274 -4.93 9.46 8.25
N VAL A 275 -6.03 9.09 8.87
CA VAL A 275 -6.10 8.74 10.31
C VAL A 275 -6.41 7.24 10.42
N GLY A 276 -5.89 6.57 11.45
CA GLY A 276 -6.14 5.15 11.71
C GLY A 276 -6.04 4.82 13.19
N VAL A 277 -6.73 3.78 13.64
CA VAL A 277 -6.64 3.28 15.02
C VAL A 277 -6.37 1.78 14.95
N ASN A 278 -5.68 1.22 15.94
CA ASN A 278 -5.53 -0.25 16.07
C ASN A 278 -5.68 -0.64 17.55
N TYR A 279 -6.18 -1.86 17.79
CA TYR A 279 -6.29 -2.56 19.08
C TYR A 279 -5.74 -3.98 18.95
N SER A 280 -4.85 -4.39 19.86
CA SER A 280 -4.25 -5.76 19.92
C SER A 280 -4.73 -6.46 21.21
N PHE A 281 -4.76 -7.81 21.19
CA PHE A 281 -5.23 -8.71 22.27
C PHE A 281 -4.90 -10.16 21.90
O1 PG4 B . -11.58 0.93 16.98
C1 PG4 B . -11.99 0.57 15.67
C2 PG4 B . -12.76 -0.70 15.66
O2 PG4 B . -12.37 -1.49 14.55
C3 PG4 B . -13.46 -2.01 13.79
C4 PG4 B . -13.32 -3.50 13.57
O3 PG4 B . -14.60 -4.15 13.60
C5 PG4 B . -14.54 -5.58 13.57
C6 PG4 B . -15.47 -6.14 14.62
O4 PG4 B . -14.87 -7.29 15.24
C7 PG4 B . -14.68 -8.39 14.36
C8 PG4 B . -14.69 -9.69 15.14
O5 PG4 B . -13.56 -9.84 15.98
HO1 PG4 B . -11.15 1.65 16.95
H11 PG4 B . -11.21 0.47 15.09
H12 PG4 B . -12.57 1.28 15.31
H21 PG4 B . -13.73 -0.51 15.61
H22 PG4 B . -12.59 -1.20 16.49
H31 PG4 B . -13.50 -1.56 12.91
H32 PG4 B . -14.31 -1.84 14.26
H41 PG4 B . -12.77 -3.89 14.28
H42 PG4 B . -12.89 -3.67 12.70
H51 PG4 B . -13.63 -5.87 13.76
H52 PG4 B . -14.81 -5.91 12.69
H61 PG4 B . -16.31 -6.41 14.20
H62 PG4 B . -15.64 -5.47 15.31
H71 PG4 B . -13.82 -8.31 13.90
H72 PG4 B . -15.40 -8.43 13.69
H81 PG4 B . -14.69 -10.45 14.50
H82 PG4 B . -15.49 -9.73 15.69
HO5 PG4 B . -13.06 -9.16 15.90
C1 BOG C . -17.24 13.02 6.03
O1 BOG C . -16.91 11.81 6.70
C2 BOG C . -16.98 12.73 4.55
O2 BOG C . -15.65 13.19 4.20
C3 BOG C . -17.97 13.33 3.53
O3 BOG C . -18.30 12.30 2.58
C4 BOG C . -19.26 13.95 4.10
O4 BOG C . -19.68 14.94 3.13
C5 BOG C . -18.92 14.51 5.49
O5 BOG C . -18.59 13.38 6.32
C6 BOG C . -19.98 15.40 6.14
O6 BOG C . -19.33 16.44 6.92
C1' BOG C . -16.80 12.00 8.10
C2' BOG C . -15.79 10.99 8.63
C3' BOG C . -16.37 9.62 8.99
C4' BOG C . -15.23 8.74 9.49
C5' BOG C . -15.61 7.32 9.98
C6' BOG C . -14.63 6.23 9.53
C7' BOG C . -15.04 4.81 9.85
C8' BOG C . -14.18 3.67 9.26
H1 BOG C . -16.60 13.82 6.41
H2 BOG C . -17.01 11.64 4.45
HO2 BOG C . -15.01 12.81 4.83
H3 BOG C . -17.41 14.11 3.01
HO3 BOG C . -17.49 11.92 2.23
H4 BOG C . -20.02 13.17 4.21
HO4 BOG C . -19.87 14.49 2.29
H5 BOG C . -18.02 15.12 5.34
H61 BOG C . -20.61 14.80 6.78
H62 BOG C . -20.59 15.86 5.36
HO6 BOG C . -18.37 16.33 6.86
H1'1 BOG C . -17.76 11.85 8.58
H1'2 BOG C . -16.45 13.02 8.30
H2'1 BOG C . -15.33 11.39 9.54
H2'2 BOG C . -15.01 10.84 7.89
H3'1 BOG C . -16.85 9.19 8.10
H3'2 BOG C . -17.14 9.74 9.75
H4'1 BOG C . -14.72 9.22 10.32
H4'2 BOG C . -14.50 8.59 8.68
H5'1 BOG C . -16.61 7.06 9.62
H5'2 BOG C . -15.65 7.32 11.07
H6'1 BOG C . -13.67 6.40 10.00
H6'2 BOG C . -14.50 6.30 8.45
H7'1 BOG C . -16.06 4.63 9.50
H7'2 BOG C . -15.03 4.66 10.93
H8'1 BOG C . -14.57 2.74 9.56
H8'2 BOG C . -14.19 3.73 8.20
H8'3 BOG C . -13.19 3.76 9.61
O1 PG4 D . 1.41 -4.56 -0.81
C1 PG4 D . 2.21 -5.73 -0.72
C2 PG4 D . 2.73 -6.01 0.67
O2 PG4 D . 2.53 -7.38 0.99
C3 PG4 D . 3.70 -8.07 1.42
C4 PG4 D . 3.31 -9.41 2.03
O3 PG4 D . 4.34 -10.40 1.87
HO1 PG4 D . 1.15 -4.46 -1.61
H11 PG4 D . 2.98 -5.65 -1.32
H12 PG4 D . 1.67 -6.51 -0.99
H21 PG4 D . 2.25 -5.44 1.32
H22 PG4 D . 3.69 -5.80 0.71
H31 PG4 D . 4.18 -7.55 2.10
H32 PG4 D . 4.29 -8.23 0.66
H41 PG4 D . 2.51 -9.75 1.58
H42 PG4 D . 3.13 -9.30 2.99
C1 BOG E . -20.68 -6.57 -2.06
O1 BOG E . -20.33 -7.65 -1.20
C2 BOG E . -21.48 -7.09 -3.26
O2 BOG E . -20.66 -7.99 -4.05
C3 BOG E . -21.99 -5.90 -4.10
O3 BOG E . -23.40 -6.08 -4.32
C4 BOG E . -21.69 -4.45 -3.56
O4 BOG E . -20.55 -3.84 -4.28
C5 BOG E . -21.35 -4.27 -2.06
O5 BOG E . -21.47 -5.55 -1.40
C6 BOG E . -22.01 -3.05 -1.31
O6 BOG E . -23.39 -2.73 -1.63
C1' BOG E . -19.39 -7.28 -0.18
C2' BOG E . -19.55 -8.20 1.03
C3' BOG E . -18.88 -7.57 2.27
C4' BOG E . -17.71 -8.43 2.80
C5' BOG E . -17.23 -7.87 4.15
C6' BOG E . -16.01 -8.51 4.81
C7' BOG E . -15.58 -7.64 6.01
C8' BOG E . -14.34 -8.14 6.74
H1 BOG E . -19.76 -6.08 -2.44
H2 BOG E . -22.34 -7.66 -2.90
HO2 BOG E . -20.36 -8.73 -3.49
H3 BOG E . -21.51 -6.01 -5.08
HO3 BOG E . -23.56 -6.98 -4.64
H4 BOG E . -22.60 -3.87 -3.78
HO4 BOG E . -20.70 -3.91 -5.23
H5 BOG E . -20.29 -4.01 -2.15
H61 BOG E . -21.45 -2.15 -1.53
H62 BOG E . -22.00 -3.24 -0.23
HO6 BOG E . -23.71 -3.35 -2.29
H1'1 BOG E . -19.57 -6.25 0.12
H1'2 BOG E . -18.38 -7.37 -0.57
H2'1 BOG E . -19.09 -9.17 0.82
H2'2 BOG E . -20.61 -8.37 1.23
H3'1 BOG E . -19.62 -7.46 3.06
H3'2 BOG E . -18.50 -6.58 2.01
H4'1 BOG E . -16.88 -8.42 2.08
H4'2 BOG E . -18.03 -9.46 2.92
H5'1 BOG E . -18.03 -7.94 4.88
H5'2 BOG E . -16.99 -6.81 4.03
H6'1 BOG E . -15.20 -8.58 4.07
H6'2 BOG E . -16.25 -9.52 5.13
H7'1 BOG E . -16.40 -7.60 6.73
H7'2 BOG E . -15.38 -6.62 5.67
H8'1 BOG E . -14.12 -7.49 7.55
H8'2 BOG E . -14.52 -9.12 7.12
H8'3 BOG E . -13.52 -8.16 6.07
NA NA F . 4.57 5.62 6.28
#